data_6HRN
#
_entry.id   6HRN
#
_cell.length_a   151.473
_cell.length_b   151.473
_cell.length_c   39.764
_cell.angle_alpha   90.00
_cell.angle_beta   90.00
_cell.angle_gamma   120.00
#
_symmetry.space_group_name_H-M   'P 63'
#
loop_
_entity.id
_entity.type
_entity.pdbx_description
1 polymer 'Alpha Subunit of Cyanobacterial Phycocyanin protein'
2 polymer 'Beta Subunit of Cyanobacterial Phycocyanin protein'
3 non-polymer PHYCOCYANOBILIN
4 non-polymer 'TETRAETHYLENE GLYCOL'
5 non-polymer DI(HYDROXYETHYL)ETHER
6 non-polymer 'PHOSPHATE ION'
7 non-polymer 'TRIETHYLENE GLYCOL'
8 non-polymer 'NITRATE ION'
9 non-polymer (4S)-2-METHYL-2,4-PENTANEDIOL
10 water water
#
loop_
_entity_poly.entity_id
_entity_poly.type
_entity_poly.pdbx_seq_one_letter_code
_entity_poly.pdbx_strand_id
1 'polypeptide(L)'
;MKTPLTEAVATADSQGRFLSSTELQVAFGRFRQATASLDAAKGLSSKAQSLADGAANAVYQKFPYTTQMQGNNFASTPTG
KAKCARDIGYYIRIITYCLIAGGTGPLDDYLIGGLAEINRTFDLSPSWYVEALKYIKANHGLSGDPAVEANSYIDYAINA
LS
;
A
2 'polypeptide(L)'
;MLDAFTKVVSQADTRGAYVSDAEIDALKEMVAAGAKRMDVVNRITGNASTIVANAARGLFAEQPQLIAPGG(MEN)AYTN
RRMAACLRDMEIILRYVTYAVFAGDASVLDDRCLNGLRETYQALGVPGASVATGVSKMKEAAIAIANDPNGVTQGDCSSL
MAELGSYFDRAAAAVS
;
B
#
# COMPACT_ATOMS: atom_id res chain seq x y z
N MET A 1 5.30 3.02 1.58
CA MET A 1 6.06 1.85 1.13
C MET A 1 5.86 1.74 -0.38
N LYS A 2 6.96 1.57 -1.10
CA LYS A 2 6.94 1.54 -2.58
C LYS A 2 6.31 0.24 -3.08
N THR A 3 5.26 0.38 -3.88
CA THR A 3 4.65 -0.70 -4.68
C THR A 3 4.23 -0.06 -5.98
N PRO A 4 3.86 -0.85 -7.01
CA PRO A 4 3.38 -0.21 -8.24
C PRO A 4 2.14 0.66 -7.96
N LEU A 5 1.28 0.25 -7.04
CA LEU A 5 0.05 1.01 -6.72
C LEU A 5 0.40 2.28 -5.96
N THR A 6 1.29 2.21 -4.95
CA THR A 6 1.58 3.45 -4.18
C THR A 6 2.35 4.44 -5.06
N GLU A 7 3.22 3.93 -5.94
CA GLU A 7 4.01 4.77 -6.86
CA GLU A 7 4.00 4.80 -6.85
C GLU A 7 3.04 5.54 -7.79
N ALA A 8 2.00 4.84 -8.29
CA ALA A 8 1.02 5.46 -9.20
C ALA A 8 0.28 6.60 -8.45
N VAL A 9 -0.19 6.33 -7.23
CA VAL A 9 -0.89 7.33 -6.40
C VAL A 9 0.07 8.51 -6.15
N ALA A 10 1.32 8.22 -5.72
CA ALA A 10 2.30 9.29 -5.41
C ALA A 10 2.48 10.18 -6.65
N THR A 11 2.56 9.59 -7.84
CA THR A 11 2.72 10.34 -9.10
C THR A 11 1.53 11.27 -9.28
N ALA A 12 0.32 10.73 -9.25
CA ALA A 12 -0.90 11.54 -9.45
C ALA A 12 -0.94 12.65 -8.40
N ASP A 13 -0.69 12.30 -7.15
CA ASP A 13 -0.84 13.26 -6.03
C ASP A 13 0.20 14.38 -6.19
N SER A 14 1.39 14.05 -6.65
CA SER A 14 2.48 15.04 -6.86
C SER A 14 2.03 16.09 -7.90
N GLN A 15 1.15 15.70 -8.83
CA GLN A 15 0.66 16.55 -9.94
C GLN A 15 -0.72 17.11 -9.61
N GLY A 16 -1.23 16.89 -8.41
CA GLY A 16 -2.54 17.39 -7.97
C GLY A 16 -3.70 16.87 -8.81
N ARG A 17 -3.57 15.65 -9.35
CA ARG A 17 -4.58 15.16 -10.31
C ARG A 17 -5.16 13.81 -9.92
N PHE A 18 -6.29 13.53 -10.51
CA PHE A 18 -6.88 12.18 -10.44
C PHE A 18 -5.98 11.24 -11.23
N LEU A 19 -6.15 9.97 -10.92
CA LEU A 19 -5.44 8.86 -11.61
C LEU A 19 -5.87 8.85 -13.10
N SER A 20 -4.93 8.48 -13.96
CA SER A 20 -5.11 8.42 -15.43
C SER A 20 -5.23 6.96 -15.85
N SER A 21 -5.56 6.79 -17.12
CA SER A 21 -5.61 5.43 -17.70
CA SER A 21 -5.58 5.46 -17.79
C SER A 21 -4.25 4.75 -17.57
N THR A 22 -3.16 5.51 -17.62
CA THR A 22 -1.82 4.91 -17.51
C THR A 22 -1.69 4.28 -16.11
N GLU A 23 -2.19 4.97 -15.08
CA GLU A 23 -2.07 4.40 -13.71
C GLU A 23 -3.02 3.21 -13.53
N LEU A 24 -4.20 3.26 -14.16
CA LEU A 24 -5.09 2.06 -14.09
C LEU A 24 -4.39 0.88 -14.79
N GLN A 25 -3.71 1.12 -15.90
CA GLN A 25 -2.97 0.06 -16.64
C GLN A 25 -1.79 -0.45 -15.78
N VAL A 26 -1.16 0.41 -14.99
CA VAL A 26 -0.12 -0.07 -14.06
C VAL A 26 -0.75 -1.07 -13.10
N ALA A 27 -1.92 -0.74 -12.57
CA ALA A 27 -2.59 -1.61 -11.60
C ALA A 27 -2.93 -2.94 -12.30
N PHE A 28 -3.42 -2.89 -13.52
CA PHE A 28 -3.73 -4.16 -14.24
C PHE A 28 -2.47 -5.03 -14.35
N GLY A 29 -1.34 -4.41 -14.65
CA GLY A 29 -0.10 -5.19 -14.75
C GLY A 29 0.30 -5.78 -13.42
N ARG A 30 0.12 -5.02 -12.35
CA ARG A 30 0.44 -5.53 -11.01
C ARG A 30 -0.48 -6.70 -10.68
N PHE A 31 -1.75 -6.58 -11.02
CA PHE A 31 -2.74 -7.66 -10.76
C PHE A 31 -2.40 -8.91 -11.58
N ARG A 32 -1.95 -8.77 -12.81
CA ARG A 32 -1.57 -9.96 -13.62
C ARG A 32 -0.38 -10.69 -12.98
N GLN A 33 0.60 -9.96 -12.46
CA GLN A 33 1.86 -10.48 -11.81
C GLN A 33 1.50 -11.16 -10.49
N ALA A 34 0.41 -10.75 -9.83
CA ALA A 34 0.22 -10.99 -8.38
C ALA A 34 0.03 -12.46 -8.05
N THR A 35 -0.77 -13.21 -8.79
CA THR A 35 -1.20 -14.51 -8.25
CA THR A 35 -1.20 -14.59 -8.43
C THR A 35 0.04 -15.45 -8.22
N ALA A 36 0.97 -15.39 -9.19
CA ALA A 36 2.25 -16.16 -9.22
C ALA A 36 3.16 -15.71 -8.07
N SER A 37 3.25 -14.39 -7.82
CA SER A 37 4.10 -13.81 -6.74
C SER A 37 3.54 -14.28 -5.40
N LEU A 38 2.22 -14.25 -5.25
CA LEU A 38 1.52 -14.69 -4.02
C LEU A 38 1.74 -16.20 -3.84
N ASP A 39 1.83 -16.97 -4.92
CA ASP A 39 2.22 -18.41 -4.85
C ASP A 39 3.67 -18.58 -4.40
N ALA A 40 4.61 -17.81 -4.99
CA ALA A 40 6.03 -17.84 -4.57
C ALA A 40 6.13 -17.54 -3.07
N ALA A 41 5.40 -16.54 -2.56
CA ALA A 41 5.41 -16.14 -1.14
C ALA A 41 4.96 -17.31 -0.28
N LYS A 42 3.95 -18.05 -0.75
CA LYS A 42 3.43 -19.27 -0.07
C LYS A 42 4.52 -20.34 -0.02
N GLY A 43 5.19 -20.60 -1.16
CA GLY A 43 6.31 -21.55 -1.29
C GLY A 43 7.41 -21.25 -0.30
N LEU A 44 7.98 -20.04 -0.38
CA LEU A 44 9.14 -19.60 0.45
C LEU A 44 8.77 -19.74 1.93
N SER A 45 7.54 -19.32 2.26
CA SER A 45 7.03 -19.31 3.66
C SER A 45 7.08 -20.74 4.25
N SER A 46 6.63 -21.75 3.51
CA SER A 46 6.59 -23.14 4.03
C SER A 46 8.01 -23.72 4.16
N LYS A 47 9.00 -23.18 3.43
CA LYS A 47 10.42 -23.64 3.43
C LYS A 47 11.33 -22.71 4.25
N ALA A 48 10.80 -21.70 4.94
CA ALA A 48 11.63 -20.61 5.51
C ALA A 48 12.64 -21.16 6.55
N GLN A 49 12.21 -22.01 7.49
CA GLN A 49 13.08 -22.51 8.58
C GLN A 49 14.20 -23.34 7.96
N SER A 50 13.85 -24.21 7.01
CA SER A 50 14.81 -25.06 6.27
C SER A 50 15.85 -24.17 5.56
N LEU A 51 15.38 -23.15 4.83
CA LEU A 51 16.25 -22.24 4.04
C LEU A 51 17.17 -21.44 4.98
N ALA A 52 16.70 -21.05 6.16
CA ALA A 52 17.50 -20.27 7.14
C ALA A 52 18.59 -21.17 7.73
N ASP A 53 18.22 -22.40 8.10
CA ASP A 53 19.16 -23.43 8.64
C ASP A 53 20.28 -23.67 7.61
N GLY A 54 19.91 -23.91 6.35
CA GLY A 54 20.85 -24.18 5.24
C GLY A 54 21.74 -22.98 4.91
N ALA A 55 21.17 -21.78 4.79
CA ALA A 55 21.94 -20.56 4.42
C ALA A 55 22.98 -20.24 5.52
N ALA A 56 22.62 -20.45 6.80
CA ALA A 56 23.52 -20.24 7.95
C ALA A 56 24.73 -21.14 7.79
N ASN A 57 24.48 -22.43 7.55
CA ASN A 57 25.55 -23.45 7.40
CA ASN A 57 25.51 -23.48 7.34
C ASN A 57 26.43 -23.08 6.19
N ALA A 58 25.83 -22.60 5.09
CA ALA A 58 26.61 -22.21 3.89
C ALA A 58 27.56 -21.04 4.22
N VAL A 59 27.10 -20.04 4.99
CA VAL A 59 27.97 -18.91 5.43
C VAL A 59 29.12 -19.45 6.29
N TYR A 60 28.82 -20.31 7.27
CA TYR A 60 29.81 -20.88 8.21
C TYR A 60 30.85 -21.70 7.41
N GLN A 61 30.42 -22.45 6.38
CA GLN A 61 31.33 -23.26 5.51
C GLN A 61 32.28 -22.33 4.77
N LYS A 62 31.74 -21.27 4.13
CA LYS A 62 32.53 -20.36 3.26
C LYS A 62 33.48 -19.50 4.12
N PHE A 63 33.07 -19.16 5.34
CA PHE A 63 33.80 -18.24 6.26
C PHE A 63 33.93 -18.91 7.63
N PRO A 64 34.71 -20.02 7.71
CA PRO A 64 34.83 -20.80 8.94
C PRO A 64 35.27 -19.97 10.16
N TYR A 65 35.97 -18.85 9.91
CA TYR A 65 36.48 -17.94 10.97
C TYR A 65 35.29 -17.35 11.78
N THR A 66 34.10 -17.29 11.20
CA THR A 66 32.91 -16.67 11.84
C THR A 66 32.48 -17.53 13.05
N THR A 67 32.78 -18.83 13.03
CA THR A 67 32.40 -19.85 14.04
C THR A 67 33.53 -20.04 15.06
N GLN A 68 34.71 -19.47 14.82
CA GLN A 68 35.88 -19.77 15.68
C GLN A 68 36.41 -18.49 16.33
N MET A 69 36.55 -17.39 15.57
CA MET A 69 37.14 -16.12 16.08
C MET A 69 36.28 -15.57 17.22
N GLN A 70 36.89 -15.04 18.28
CA GLN A 70 36.17 -14.41 19.40
C GLN A 70 35.80 -12.98 18.96
N GLY A 71 34.61 -12.53 19.32
CA GLY A 71 34.22 -11.13 19.03
C GLY A 71 32.71 -11.00 18.98
N ASN A 72 32.23 -9.82 19.37
CA ASN A 72 30.77 -9.49 19.45
C ASN A 72 30.10 -9.75 18.10
N ASN A 73 30.84 -9.55 17.01
CA ASN A 73 30.34 -9.63 15.62
C ASN A 73 30.32 -11.06 15.08
N PHE A 74 30.80 -12.07 15.81
CA PHE A 74 30.98 -13.44 15.26
C PHE A 74 29.98 -14.43 15.86
N ALA A 75 29.69 -15.48 15.09
CA ALA A 75 28.83 -16.62 15.46
C ALA A 75 29.69 -17.71 16.12
N SER A 76 30.68 -17.32 16.92
CA SER A 76 31.56 -18.29 17.63
C SER A 76 30.95 -18.67 18.99
N THR A 77 29.83 -18.02 19.37
CA THR A 77 29.10 -18.27 20.65
C THR A 77 27.66 -18.65 20.31
N PRO A 78 26.87 -19.17 21.28
CA PRO A 78 25.46 -19.45 21.05
C PRO A 78 24.70 -18.18 20.66
N THR A 79 24.96 -17.08 21.36
CA THR A 79 24.18 -15.82 21.14
C THR A 79 24.52 -15.26 19.76
N GLY A 80 25.78 -15.37 19.33
CA GLY A 80 26.22 -15.00 17.95
C GLY A 80 25.54 -15.86 16.88
N LYS A 81 25.49 -17.18 17.06
CA LYS A 81 24.80 -18.09 16.10
C LYS A 81 23.33 -17.68 15.98
N ALA A 82 22.72 -17.34 17.12
CA ALA A 82 21.29 -16.95 17.23
C ALA A 82 21.08 -15.63 16.50
N LYS A 83 21.99 -14.66 16.67
CA LYS A 83 21.92 -13.37 15.93
C LYS A 83 21.97 -13.66 14.42
N CYS A 84 22.86 -14.55 14.02
CA CYS A 84 23.07 -14.82 12.57
C CYS A 84 21.81 -15.47 12.00
N ALA A 85 21.27 -16.46 12.68
CA ALA A 85 20.08 -17.20 12.23
C ALA A 85 18.91 -16.22 12.13
N ARG A 86 18.78 -15.36 13.15
CA ARG A 86 17.77 -14.30 13.20
C ARG A 86 17.90 -13.43 11.95
N ASP A 87 19.08 -12.90 11.68
CA ASP A 87 19.32 -11.98 10.54
C ASP A 87 18.92 -12.68 9.23
N ILE A 88 19.38 -13.92 9.04
CA ILE A 88 19.09 -14.68 7.79
C ILE A 88 17.56 -14.86 7.71
N GLY A 89 16.91 -15.15 8.83
CA GLY A 89 15.45 -15.24 8.91
C GLY A 89 14.78 -13.93 8.49
N TYR A 90 15.37 -12.80 8.86
CA TYR A 90 14.86 -11.47 8.46
C TYR A 90 14.89 -11.32 6.93
N TYR A 91 16.00 -11.66 6.28
CA TYR A 91 16.11 -11.56 4.80
C TYR A 91 15.02 -12.41 4.16
N ILE A 92 14.83 -13.63 4.64
CA ILE A 92 13.87 -14.56 3.98
C ILE A 92 12.46 -13.98 4.15
N ARG A 93 12.11 -13.60 5.36
CA ARG A 93 10.77 -13.05 5.68
C ARG A 93 10.52 -11.80 4.84
N ILE A 94 11.48 -10.88 4.78
CA ILE A 94 11.29 -9.60 4.07
C ILE A 94 11.27 -9.82 2.55
N ILE A 95 11.97 -10.82 2.03
CA ILE A 95 11.87 -11.13 0.58
C ILE A 95 10.46 -11.68 0.31
N THR A 96 9.89 -12.50 1.22
CA THR A 96 8.49 -13.00 1.04
C THR A 96 7.57 -11.79 1.00
N TYR A 97 7.83 -10.79 1.83
CA TYR A 97 6.97 -9.57 1.84
C TYR A 97 7.02 -8.87 0.48
N CYS A 98 8.18 -8.82 -0.15
CA CYS A 98 8.32 -8.18 -1.48
C CYS A 98 7.42 -8.92 -2.49
N LEU A 99 7.35 -10.24 -2.43
CA LEU A 99 6.52 -11.03 -3.36
C LEU A 99 5.05 -10.70 -3.12
N ILE A 100 4.67 -10.40 -1.88
CA ILE A 100 3.27 -10.03 -1.54
C ILE A 100 2.99 -8.59 -2.00
N ALA A 101 3.95 -7.71 -1.78
CA ALA A 101 3.83 -6.26 -2.09
C ALA A 101 3.91 -6.00 -3.61
N GLY A 102 4.55 -6.85 -4.39
CA GLY A 102 4.73 -6.62 -5.82
C GLY A 102 5.83 -5.63 -6.11
N GLY A 103 6.74 -5.41 -5.17
CA GLY A 103 7.88 -4.53 -5.40
C GLY A 103 8.84 -4.54 -4.22
N THR A 104 9.87 -3.73 -4.30
CA THR A 104 11.02 -3.79 -3.35
C THR A 104 10.71 -3.05 -2.03
N GLY A 105 9.58 -2.34 -1.91
CA GLY A 105 9.25 -1.55 -0.72
C GLY A 105 9.64 -2.20 0.60
N PRO A 106 9.23 -3.45 0.87
CA PRO A 106 9.54 -4.06 2.16
C PRO A 106 11.04 -4.16 2.40
N LEU A 107 11.79 -4.60 1.39
CA LEU A 107 13.27 -4.64 1.53
C LEU A 107 13.80 -3.22 1.75
N ASP A 108 13.33 -2.26 0.99
CA ASP A 108 13.84 -0.88 1.03
C ASP A 108 13.60 -0.34 2.45
N ASP A 109 12.38 -0.49 2.94
CA ASP A 109 11.94 0.18 4.20
C ASP A 109 12.49 -0.55 5.42
N TYR A 110 12.49 -1.88 5.41
CA TYR A 110 12.76 -2.65 6.65
C TYR A 110 14.22 -3.08 6.74
N LEU A 111 14.93 -3.21 5.62
CA LEU A 111 16.27 -3.84 5.64
C LEU A 111 17.35 -3.00 4.96
N ILE A 112 17.13 -2.50 3.74
CA ILE A 112 18.22 -1.88 2.94
C ILE A 112 18.50 -0.45 3.44
N GLY A 113 17.47 0.34 3.74
CA GLY A 113 17.70 1.67 4.33
C GLY A 113 18.50 1.52 5.62
N GLY A 114 19.72 2.03 5.69
CA GLY A 114 20.51 1.95 6.93
C GLY A 114 21.43 0.74 6.96
N LEU A 115 21.32 -0.16 6.00
CA LEU A 115 22.04 -1.47 6.01
C LEU A 115 23.55 -1.20 6.07
N ALA A 116 24.07 -0.30 5.25
CA ALA A 116 25.52 -0.03 5.21
C ALA A 116 26.01 0.49 6.56
N GLU A 117 25.25 1.38 7.18
CA GLU A 117 25.60 2.02 8.48
C GLU A 117 25.60 0.94 9.56
N ILE A 118 24.63 0.03 9.52
CA ILE A 118 24.52 -1.03 10.58
C ILE A 118 25.70 -1.99 10.42
N ASN A 119 25.98 -2.43 9.19
CA ASN A 119 27.06 -3.42 8.92
C ASN A 119 28.39 -2.80 9.37
N ARG A 120 28.60 -1.50 9.10
CA ARG A 120 29.84 -0.77 9.52
C ARG A 120 29.87 -0.70 11.06
N THR A 121 28.81 -0.24 11.71
CA THR A 121 28.80 0.04 13.17
C THR A 121 29.07 -1.26 13.97
N PHE A 122 28.50 -2.38 13.52
CA PHE A 122 28.53 -3.69 14.22
C PHE A 122 29.55 -4.64 13.60
N ASP A 123 30.32 -4.16 12.61
CA ASP A 123 31.43 -4.90 11.96
CA ASP A 123 31.43 -4.89 11.96
C ASP A 123 30.91 -6.25 11.44
N LEU A 124 29.77 -6.20 10.73
CA LEU A 124 29.24 -7.36 10.00
C LEU A 124 29.70 -7.25 8.54
N SER A 125 30.24 -8.33 7.97
CA SER A 125 30.68 -8.35 6.55
C SER A 125 29.47 -8.55 5.66
N PRO A 126 29.20 -7.62 4.71
CA PRO A 126 28.18 -7.84 3.67
C PRO A 126 28.36 -9.18 2.93
N SER A 127 29.61 -9.61 2.70
CA SER A 127 29.94 -10.90 2.03
C SER A 127 29.25 -12.08 2.74
N TRP A 128 29.16 -12.08 4.07
CA TRP A 128 28.44 -13.16 4.82
C TRP A 128 27.01 -13.29 4.31
N TYR A 129 26.31 -12.17 4.16
CA TYR A 129 24.87 -12.17 3.81
C TYR A 129 24.73 -12.52 2.34
N VAL A 130 25.66 -12.09 1.50
CA VAL A 130 25.61 -12.38 0.04
C VAL A 130 25.67 -13.90 -0.12
N GLU A 131 26.52 -14.57 0.67
CA GLU A 131 26.63 -16.05 0.67
C GLU A 131 25.29 -16.65 1.12
N ALA A 132 24.66 -16.12 2.17
CA ALA A 132 23.37 -16.65 2.66
C ALA A 132 22.31 -16.56 1.55
N LEU A 133 22.33 -15.45 0.81
CA LEU A 133 21.36 -15.14 -0.28
C LEU A 133 21.60 -16.04 -1.51
N LYS A 134 22.85 -16.31 -1.89
CA LYS A 134 23.16 -17.21 -3.02
C LYS A 134 22.57 -18.59 -2.71
N TYR A 135 22.71 -19.02 -1.45
CA TYR A 135 22.15 -20.31 -0.98
C TYR A 135 20.64 -20.28 -1.14
N ILE A 136 20.00 -19.24 -0.62
CA ILE A 136 18.51 -19.15 -0.68
C ILE A 136 18.07 -19.21 -2.14
N LYS A 137 18.76 -18.50 -3.04
CA LYS A 137 18.49 -18.47 -4.50
C LYS A 137 18.58 -19.88 -5.09
N ALA A 138 19.54 -20.69 -4.65
CA ALA A 138 19.79 -22.03 -5.22
C ALA A 138 18.81 -23.06 -4.62
N ASN A 139 18.20 -22.79 -3.46
CA ASN A 139 17.46 -23.86 -2.73
C ASN A 139 15.99 -23.54 -2.51
N HIS A 140 15.45 -22.42 -3.03
CA HIS A 140 14.02 -22.05 -2.75
C HIS A 140 13.07 -23.04 -3.44
N GLY A 141 13.51 -23.69 -4.53
CA GLY A 141 12.79 -24.82 -5.16
C GLY A 141 11.62 -24.37 -6.03
N LEU A 142 11.52 -23.07 -6.29
CA LEU A 142 10.51 -22.46 -7.19
C LEU A 142 11.03 -22.59 -8.62
N SER A 143 10.16 -22.56 -9.61
CA SER A 143 10.55 -22.35 -11.04
C SER A 143 9.52 -21.44 -11.72
N GLY A 144 9.69 -21.21 -13.02
CA GLY A 144 8.81 -20.36 -13.83
C GLY A 144 8.73 -18.96 -13.25
N ASP A 145 7.59 -18.30 -13.44
CA ASP A 145 7.40 -16.87 -13.08
C ASP A 145 7.64 -16.66 -11.58
N PRO A 146 7.16 -17.52 -10.66
CA PRO A 146 7.52 -17.41 -9.24
C PRO A 146 9.02 -17.24 -8.97
N ALA A 147 9.85 -18.09 -9.59
CA ALA A 147 11.31 -18.15 -9.38
C ALA A 147 11.97 -16.85 -9.88
N VAL A 148 11.54 -16.35 -11.05
CA VAL A 148 12.04 -15.07 -11.65
C VAL A 148 11.76 -13.94 -10.66
N GLU A 149 10.52 -13.89 -10.16
CA GLU A 149 10.05 -12.92 -9.13
C GLU A 149 11.00 -13.04 -7.92
N ALA A 150 11.06 -14.20 -7.29
CA ALA A 150 11.87 -14.42 -6.07
C ALA A 150 13.33 -14.02 -6.33
N ASN A 151 13.89 -14.43 -7.47
CA ASN A 151 15.32 -14.17 -7.79
C ASN A 151 15.54 -12.68 -8.01
N SER A 152 14.57 -11.95 -8.57
CA SER A 152 14.66 -10.47 -8.78
C SER A 152 14.94 -9.80 -7.43
N TYR A 153 14.23 -10.21 -6.38
CA TYR A 153 14.33 -9.58 -5.03
C TYR A 153 15.60 -10.06 -4.33
N ILE A 154 16.01 -11.31 -4.54
CA ILE A 154 17.27 -11.84 -3.92
C ILE A 154 18.45 -11.09 -4.52
N ASP A 155 18.43 -10.88 -5.85
CA ASP A 155 19.52 -10.20 -6.59
C ASP A 155 19.57 -8.73 -6.16
N TYR A 156 18.40 -8.12 -5.97
CA TYR A 156 18.28 -6.72 -5.50
C TYR A 156 18.99 -6.60 -4.14
N ALA A 157 18.75 -7.53 -3.20
CA ALA A 157 19.40 -7.54 -1.88
C ALA A 157 20.91 -7.79 -2.02
N ILE A 158 21.32 -8.74 -2.86
CA ILE A 158 22.79 -8.99 -3.09
C ILE A 158 23.42 -7.70 -3.61
N ASN A 159 22.75 -7.02 -4.53
CA ASN A 159 23.26 -5.77 -5.15
C ASN A 159 23.37 -4.68 -4.07
N ALA A 160 22.43 -4.64 -3.12
CA ALA A 160 22.40 -3.65 -2.00
C ALA A 160 23.60 -3.91 -1.09
N LEU A 161 24.08 -5.15 -1.01
CA LEU A 161 25.18 -5.54 -0.09
C LEU A 161 26.55 -5.35 -0.77
N SER A 162 26.60 -5.24 -2.09
CA SER A 162 27.86 -5.31 -2.86
C SER A 162 28.34 -3.91 -3.25
N MET B 1 2.63 5.90 2.20
CA MET B 1 1.27 5.33 2.19
C MET B 1 1.39 3.82 2.04
N LEU B 2 0.32 3.13 2.38
CA LEU B 2 0.22 1.67 2.18
C LEU B 2 -0.86 1.39 1.14
N ASP B 3 -0.71 0.26 0.49
CA ASP B 3 -1.83 -0.33 -0.28
C ASP B 3 -2.34 -1.56 0.47
N ALA B 4 -3.31 -2.27 -0.10
CA ALA B 4 -3.91 -3.37 0.67
C ALA B 4 -2.80 -4.40 1.00
N PHE B 5 -1.90 -4.63 0.06
CA PHE B 5 -0.85 -5.69 0.15
C PHE B 5 0.13 -5.26 1.24
N THR B 6 0.55 -3.99 1.21
CA THR B 6 1.56 -3.58 2.20
C THR B 6 0.94 -3.30 3.57
N LYS B 7 -0.36 -3.03 3.66
CA LYS B 7 -1.05 -2.98 4.96
C LYS B 7 -0.91 -4.36 5.64
N VAL B 8 -1.17 -5.44 4.91
CA VAL B 8 -1.04 -6.81 5.45
C VAL B 8 0.43 -7.06 5.82
N VAL B 9 1.36 -6.69 4.95
CA VAL B 9 2.81 -6.87 5.23
C VAL B 9 3.18 -6.12 6.52
N SER B 10 2.77 -4.87 6.63
CA SER B 10 3.20 -4.03 7.77
CA SER B 10 3.14 -4.01 7.77
C SER B 10 2.67 -4.65 9.07
N GLN B 11 1.44 -5.11 9.08
CA GLN B 11 0.86 -5.72 10.29
C GLN B 11 1.66 -6.98 10.64
N ALA B 12 2.01 -7.80 9.65
CA ALA B 12 2.79 -9.03 9.88
C ALA B 12 4.17 -8.67 10.43
N ASP B 13 4.82 -7.67 9.83
CA ASP B 13 6.21 -7.26 10.19
C ASP B 13 6.23 -6.83 11.66
N THR B 14 5.21 -6.11 12.13
CA THR B 14 5.11 -5.65 13.54
C THR B 14 5.17 -6.85 14.49
N ARG B 15 4.65 -7.99 14.05
CA ARG B 15 4.53 -9.26 14.80
C ARG B 15 5.73 -10.16 14.50
N GLY B 16 6.59 -9.80 13.56
CA GLY B 16 7.72 -10.64 13.15
C GLY B 16 7.22 -11.90 12.48
N ALA B 17 6.07 -11.80 11.82
CA ALA B 17 5.33 -12.97 11.30
C ALA B 17 5.34 -13.01 9.78
N TYR B 18 5.25 -14.20 9.23
CA TYR B 18 4.91 -14.40 7.82
C TYR B 18 3.42 -14.07 7.64
N VAL B 19 3.11 -13.50 6.49
CA VAL B 19 1.71 -13.31 6.08
C VAL B 19 1.08 -14.71 5.98
N SER B 20 -0.06 -14.91 6.62
CA SER B 20 -0.77 -16.20 6.73
C SER B 20 -1.36 -16.61 5.36
N ASP B 21 -1.62 -17.90 5.20
CA ASP B 21 -2.27 -18.45 3.99
C ASP B 21 -3.62 -17.77 3.80
N ALA B 22 -4.37 -17.55 4.90
CA ALA B 22 -5.70 -16.89 4.89
C ALA B 22 -5.55 -15.47 4.35
N GLU B 23 -4.53 -14.74 4.82
CA GLU B 23 -4.32 -13.34 4.39
C GLU B 23 -3.98 -13.30 2.90
N ILE B 24 -3.12 -14.20 2.46
CA ILE B 24 -2.71 -14.28 1.03
C ILE B 24 -3.96 -14.61 0.18
N ASP B 25 -4.81 -15.54 0.62
CA ASP B 25 -6.05 -15.90 -0.12
C ASP B 25 -6.95 -14.66 -0.20
N ALA B 26 -7.05 -13.86 0.86
CA ALA B 26 -7.84 -12.62 0.87
C ALA B 26 -7.25 -11.64 -0.16
N LEU B 27 -5.93 -11.54 -0.23
CA LEU B 27 -5.32 -10.68 -1.26
C LEU B 27 -5.58 -11.22 -2.67
N LYS B 28 -5.52 -12.53 -2.88
CA LYS B 28 -5.85 -13.14 -4.19
C LYS B 28 -7.29 -12.76 -4.58
N GLU B 29 -8.21 -12.66 -3.62
CA GLU B 29 -9.64 -12.29 -3.91
C GLU B 29 -9.66 -10.85 -4.41
N MET B 30 -8.88 -9.97 -3.77
CA MET B 30 -8.79 -8.56 -4.21
C MET B 30 -8.27 -8.51 -5.66
N VAL B 31 -7.21 -9.26 -5.92
CA VAL B 31 -6.58 -9.30 -7.26
C VAL B 31 -7.66 -9.75 -8.27
N ALA B 32 -8.36 -10.85 -7.97
CA ALA B 32 -9.36 -11.42 -8.89
C ALA B 32 -10.40 -10.37 -9.26
N ALA B 33 -10.75 -9.48 -8.32
CA ALA B 33 -11.79 -8.43 -8.49
C ALA B 33 -11.16 -7.10 -8.99
N GLY B 34 -9.89 -7.11 -9.37
CA GLY B 34 -9.17 -5.87 -9.68
C GLY B 34 -9.77 -5.06 -10.82
N ALA B 35 -10.34 -5.70 -11.85
CA ALA B 35 -10.95 -4.95 -12.96
C ALA B 35 -12.12 -4.11 -12.42
N LYS B 36 -12.95 -4.69 -11.56
CA LYS B 36 -14.13 -4.00 -11.00
C LYS B 36 -13.64 -2.80 -10.17
N ARG B 37 -12.58 -3.00 -9.39
CA ARG B 37 -11.99 -1.93 -8.56
C ARG B 37 -11.56 -0.77 -9.47
N MET B 38 -10.92 -1.09 -10.57
CA MET B 38 -10.47 -0.05 -11.51
C MET B 38 -11.68 0.62 -12.17
N ASP B 39 -12.77 -0.08 -12.44
CA ASP B 39 -13.97 0.58 -12.97
C ASP B 39 -14.46 1.63 -11.97
N VAL B 40 -14.44 1.31 -10.69
CA VAL B 40 -14.91 2.29 -9.68
C VAL B 40 -14.05 3.56 -9.78
N VAL B 41 -12.74 3.39 -9.78
CA VAL B 41 -11.80 4.54 -9.89
C VAL B 41 -12.07 5.31 -11.17
N ASN B 42 -12.19 4.60 -12.28
CA ASN B 42 -12.32 5.20 -13.62
C ASN B 42 -13.63 6.01 -13.68
N ARG B 43 -14.72 5.40 -13.24
CA ARG B 43 -16.04 6.06 -13.36
C ARG B 43 -16.13 7.29 -12.46
N ILE B 44 -15.65 7.16 -11.22
CA ILE B 44 -15.71 8.37 -10.34
C ILE B 44 -14.83 9.47 -10.95
N THR B 45 -13.64 9.11 -11.40
CA THR B 45 -12.68 10.08 -11.95
C THR B 45 -13.32 10.79 -13.14
N GLY B 46 -13.89 10.02 -14.05
CA GLY B 46 -14.44 10.59 -15.29
C GLY B 46 -15.66 11.47 -15.04
N ASN B 47 -16.32 11.32 -13.91
CA ASN B 47 -17.55 12.03 -13.56
C ASN B 47 -17.30 12.93 -12.33
N ALA B 48 -16.03 13.26 -12.00
CA ALA B 48 -15.74 13.96 -10.75
C ALA B 48 -16.52 15.28 -10.66
N SER B 49 -16.56 16.07 -11.73
CA SER B 49 -17.21 17.41 -11.70
C SER B 49 -18.71 17.28 -11.41
N THR B 50 -19.35 16.28 -12.01
CA THR B 50 -20.78 16.00 -11.81
C THR B 50 -21.05 15.56 -10.38
N ILE B 51 -20.19 14.71 -9.83
CA ILE B 51 -20.36 14.22 -8.44
C ILE B 51 -20.28 15.43 -7.50
N VAL B 52 -19.24 16.27 -7.69
CA VAL B 52 -19.09 17.47 -6.81
C VAL B 52 -20.27 18.41 -6.98
N ALA B 53 -20.65 18.77 -8.22
CA ALA B 53 -21.75 19.73 -8.47
C ALA B 53 -23.06 19.19 -7.85
N ASN B 54 -23.37 17.91 -8.06
CA ASN B 54 -24.66 17.36 -7.61
C ASN B 54 -24.69 17.33 -6.08
N ALA B 55 -23.58 16.93 -5.44
CA ALA B 55 -23.47 16.93 -3.97
C ALA B 55 -23.64 18.36 -3.44
N ALA B 56 -22.98 19.33 -4.06
CA ALA B 56 -23.04 20.74 -3.61
C ALA B 56 -24.49 21.23 -3.74
N ARG B 57 -25.12 20.96 -4.88
CA ARG B 57 -26.52 21.42 -5.11
C ARG B 57 -27.41 20.83 -3.99
N GLY B 58 -27.20 19.57 -3.63
CA GLY B 58 -28.00 18.94 -2.57
C GLY B 58 -27.73 19.55 -1.22
N LEU B 59 -26.45 19.73 -0.87
CA LEU B 59 -26.05 20.36 0.42
C LEU B 59 -26.73 21.73 0.56
N PHE B 60 -26.65 22.58 -0.47
CA PHE B 60 -27.13 23.98 -0.36
C PHE B 60 -28.65 24.00 -0.37
N ALA B 61 -29.29 23.02 -1.01
CA ALA B 61 -30.76 22.91 -0.95
C ALA B 61 -31.17 22.59 0.50
N GLU B 62 -30.45 21.73 1.21
CA GLU B 62 -30.77 21.30 2.60
C GLU B 62 -30.33 22.36 3.62
N GLN B 63 -29.28 23.10 3.32
CA GLN B 63 -28.65 24.06 4.27
C GLN B 63 -28.51 25.41 3.57
N PRO B 64 -29.63 26.11 3.28
CA PRO B 64 -29.59 27.40 2.57
C PRO B 64 -28.80 28.48 3.33
N GLN B 65 -28.63 28.32 4.64
N GLN B 65 -28.66 28.35 4.66
CA GLN B 65 -27.88 29.29 5.48
CA GLN B 65 -27.82 29.23 5.52
C GLN B 65 -26.39 29.32 5.02
C GLN B 65 -26.42 29.37 4.91
N LEU B 66 -25.88 28.28 4.36
CA LEU B 66 -24.48 28.27 3.88
C LEU B 66 -24.28 29.30 2.77
N ILE B 67 -25.31 29.52 1.93
CA ILE B 67 -25.17 30.34 0.71
C ILE B 67 -25.87 31.67 0.89
N ALA B 68 -26.62 31.90 1.97
CA ALA B 68 -27.19 33.23 2.24
C ALA B 68 -26.03 34.17 2.53
N PRO B 69 -26.17 35.49 2.24
CA PRO B 69 -25.16 36.47 2.68
C PRO B 69 -24.78 36.21 4.14
N GLY B 70 -23.47 36.23 4.40
CA GLY B 70 -22.92 35.94 5.73
C GLY B 70 -22.62 34.47 5.93
N GLY B 71 -23.10 33.61 5.04
CA GLY B 71 -22.86 32.16 5.13
C GLY B 71 -21.46 31.78 4.67
N ALA B 73 -20.37 29.64 2.56
CA ALA B 73 -20.16 29.37 1.14
C ALA B 73 -20.71 30.48 0.24
N TYR B 74 -21.14 31.59 0.83
CA TYR B 74 -21.53 32.84 0.12
C TYR B 74 -20.27 33.55 -0.39
N THR B 75 -20.39 34.20 -1.54
CA THR B 75 -19.35 34.79 -2.43
C THR B 75 -18.76 33.69 -3.31
N ASN B 76 -18.32 34.05 -4.52
CA ASN B 76 -17.83 33.01 -5.45
C ASN B 76 -16.51 32.45 -4.94
N ARG B 77 -15.70 33.24 -4.24
CA ARG B 77 -14.38 32.80 -3.71
CA ARG B 77 -14.38 32.75 -3.78
CA ARG B 77 -14.39 32.73 -3.80
C ARG B 77 -14.62 31.65 -2.73
N ARG B 78 -15.58 31.86 -1.83
CA ARG B 78 -15.86 30.83 -0.79
C ARG B 78 -16.54 29.63 -1.45
N MET B 79 -17.47 29.85 -2.36
CA MET B 79 -18.08 28.70 -3.09
C MET B 79 -16.98 27.91 -3.81
N ALA B 80 -16.06 28.59 -4.50
CA ALA B 80 -14.99 27.91 -5.24
C ALA B 80 -14.14 27.12 -4.26
N ALA B 81 -13.81 27.68 -3.09
CA ALA B 81 -13.01 26.96 -2.08
C ALA B 81 -13.77 25.68 -1.66
N CYS B 82 -15.06 25.81 -1.43
CA CYS B 82 -15.89 24.69 -0.93
C CYS B 82 -15.91 23.59 -2.00
N LEU B 83 -16.16 23.96 -3.27
CA LEU B 83 -16.16 22.97 -4.37
C LEU B 83 -14.78 22.31 -4.45
N ARG B 84 -13.72 23.11 -4.33
CA ARG B 84 -12.34 22.58 -4.41
C ARG B 84 -12.19 21.55 -3.28
N ASP B 85 -12.66 21.83 -2.06
CA ASP B 85 -12.50 20.88 -0.94
C ASP B 85 -13.20 19.56 -1.27
N MET B 86 -14.40 19.66 -1.83
CA MET B 86 -15.18 18.46 -2.18
CA MET B 86 -15.16 18.44 -2.15
C MET B 86 -14.36 17.64 -3.20
N GLU B 87 -13.80 18.32 -4.21
CA GLU B 87 -13.01 17.67 -5.26
C GLU B 87 -11.77 17.03 -4.65
N ILE B 88 -11.11 17.70 -3.71
CA ILE B 88 -9.90 17.14 -3.05
C ILE B 88 -10.29 15.84 -2.33
N ILE B 89 -11.33 15.92 -1.50
CA ILE B 89 -11.76 14.72 -0.73
C ILE B 89 -12.09 13.60 -1.72
N LEU B 90 -12.82 13.91 -2.77
CA LEU B 90 -13.14 12.88 -3.78
C LEU B 90 -11.87 12.30 -4.39
N ARG B 91 -10.88 13.13 -4.71
CA ARG B 91 -9.61 12.65 -5.29
C ARG B 91 -8.95 11.67 -4.34
N TYR B 92 -8.80 12.02 -3.08
CA TYR B 92 -8.13 11.10 -2.12
C TYR B 92 -8.98 9.84 -1.92
N VAL B 93 -10.31 9.93 -1.93
CA VAL B 93 -11.16 8.71 -1.87
C VAL B 93 -10.83 7.83 -3.08
N THR B 94 -10.70 8.40 -4.28
CA THR B 94 -10.36 7.54 -5.46
C THR B 94 -8.99 6.89 -5.27
N TYR B 95 -8.05 7.59 -4.64
CA TYR B 95 -6.74 6.97 -4.39
C TYR B 95 -6.88 5.79 -3.43
N ALA B 96 -7.70 5.93 -2.38
CA ALA B 96 -7.93 4.86 -1.39
C ALA B 96 -8.54 3.63 -2.09
N VAL B 97 -9.48 3.84 -2.99
CA VAL B 97 -10.08 2.69 -3.73
C VAL B 97 -9.03 2.03 -4.60
N PHE B 98 -8.27 2.84 -5.34
CA PHE B 98 -7.21 2.32 -6.21
C PHE B 98 -6.25 1.42 -5.39
N ALA B 99 -5.78 1.91 -4.24
CA ALA B 99 -4.75 1.22 -3.44
C ALA B 99 -5.38 0.13 -2.56
N GLY B 100 -6.70 0.20 -2.32
CA GLY B 100 -7.36 -0.68 -1.36
C GLY B 100 -6.95 -0.43 0.08
N ASP B 101 -6.67 0.81 0.44
CA ASP B 101 -6.30 1.14 1.82
C ASP B 101 -6.56 2.65 2.02
N ALA B 102 -7.01 3.02 3.21
CA ALA B 102 -7.33 4.41 3.56
C ALA B 102 -6.08 5.22 3.90
N SER B 103 -4.88 4.63 4.03
CA SER B 103 -3.72 5.38 4.60
C SER B 103 -3.48 6.70 3.85
N VAL B 104 -3.55 6.71 2.51
CA VAL B 104 -3.25 7.96 1.75
C VAL B 104 -4.29 9.03 2.12
N LEU B 105 -5.55 8.63 2.26
CA LEU B 105 -6.67 9.55 2.56
C LEU B 105 -6.45 10.09 3.98
N ASP B 106 -6.10 9.24 4.95
CA ASP B 106 -5.86 9.67 6.34
C ASP B 106 -4.66 10.64 6.34
N ASP B 107 -3.55 10.23 5.76
CA ASP B 107 -2.23 10.87 5.94
C ASP B 107 -2.18 12.20 5.18
N ARG B 108 -2.78 12.26 3.99
CA ARG B 108 -2.59 13.41 3.08
C ARG B 108 -3.82 14.29 3.01
N CYS B 109 -4.92 13.91 3.64
CA CYS B 109 -6.19 14.67 3.51
C CYS B 109 -6.86 14.87 4.86
N LEU B 110 -7.13 13.79 5.62
CA LEU B 110 -8.02 13.89 6.77
C LEU B 110 -7.27 14.31 8.05
N ASN B 111 -6.01 13.88 8.23
CA ASN B 111 -5.25 14.14 9.48
CA ASN B 111 -5.28 14.12 9.50
C ASN B 111 -5.13 15.65 9.68
N GLY B 112 -5.68 16.19 10.75
CA GLY B 112 -5.65 17.63 11.04
C GLY B 112 -6.73 18.43 10.35
N LEU B 113 -7.55 17.82 9.50
CA LEU B 113 -8.56 18.63 8.74
C LEU B 113 -9.62 19.23 9.68
N ARG B 114 -10.07 18.48 10.68
CA ARG B 114 -11.05 18.97 11.68
C ARG B 114 -10.49 20.27 12.26
N GLU B 115 -9.22 20.26 12.68
CA GLU B 115 -8.64 21.43 13.39
C GLU B 115 -8.55 22.59 12.39
N THR B 116 -8.19 22.30 11.15
CA THR B 116 -8.09 23.29 10.06
C THR B 116 -9.42 23.99 9.88
N TYR B 117 -10.48 23.22 9.79
CA TYR B 117 -11.84 23.80 9.62
C TYR B 117 -12.24 24.61 10.87
N GLN B 118 -11.95 24.12 12.07
CA GLN B 118 -12.29 24.80 13.35
C GLN B 118 -11.67 26.21 13.31
N ALA B 119 -10.41 26.29 12.88
CA ALA B 119 -9.63 27.55 12.86
C ALA B 119 -10.21 28.51 11.82
N LEU B 120 -10.70 27.99 10.68
CA LEU B 120 -11.26 28.82 9.57
C LEU B 120 -12.71 29.23 9.85
N GLY B 121 -13.38 28.55 10.77
CA GLY B 121 -14.84 28.68 10.92
C GLY B 121 -15.58 27.97 9.79
N VAL B 122 -14.98 26.97 9.13
CA VAL B 122 -15.73 26.18 8.14
C VAL B 122 -16.56 25.17 8.94
N PRO B 123 -17.90 25.07 8.76
CA PRO B 123 -18.73 24.15 9.54
C PRO B 123 -18.51 22.68 9.10
N GLY B 124 -17.72 21.97 9.87
CA GLY B 124 -17.34 20.57 9.61
C GLY B 124 -18.53 19.68 9.43
N ALA B 125 -19.59 19.87 10.21
CA ALA B 125 -20.79 18.99 10.10
C ALA B 125 -21.42 19.17 8.70
N SER B 126 -21.34 20.38 8.13
CA SER B 126 -21.89 20.66 6.78
C SER B 126 -20.94 20.06 5.71
N VAL B 127 -19.64 20.07 5.96
CA VAL B 127 -18.68 19.39 5.05
C VAL B 127 -19.07 17.90 5.04
N ALA B 128 -19.33 17.32 6.20
CA ALA B 128 -19.66 15.88 6.34
C ALA B 128 -20.95 15.59 5.52
N THR B 129 -21.95 16.46 5.61
CA THR B 129 -23.16 16.35 4.76
C THR B 129 -22.79 16.36 3.26
N GLY B 130 -21.95 17.29 2.82
CA GLY B 130 -21.54 17.32 1.42
C GLY B 130 -20.83 16.01 1.03
N VAL B 131 -19.97 15.50 1.90
CA VAL B 131 -19.21 14.26 1.63
C VAL B 131 -20.24 13.12 1.48
N SER B 132 -21.22 13.03 2.37
CA SER B 132 -22.27 11.99 2.30
C SER B 132 -23.04 12.07 0.98
N LYS B 133 -23.34 13.28 0.51
CA LYS B 133 -24.01 13.48 -0.78
C LYS B 133 -23.07 13.08 -1.93
N MET B 134 -21.76 13.30 -1.82
CA MET B 134 -20.84 12.84 -2.88
C MET B 134 -20.85 11.28 -2.89
N LYS B 135 -20.92 10.69 -1.70
CA LYS B 135 -20.93 9.21 -1.61
C LYS B 135 -22.12 8.69 -2.42
N GLU B 136 -23.31 9.24 -2.21
CA GLU B 136 -24.54 8.76 -2.89
C GLU B 136 -24.33 8.92 -4.39
N ALA B 137 -23.85 10.07 -4.84
CA ALA B 137 -23.67 10.37 -6.27
C ALA B 137 -22.61 9.44 -6.86
N ALA B 138 -21.51 9.24 -6.16
CA ALA B 138 -20.39 8.43 -6.68
C ALA B 138 -20.83 6.97 -6.79
N ILE B 139 -21.56 6.47 -5.80
CA ILE B 139 -21.99 5.04 -5.86
C ILE B 139 -22.94 4.87 -7.04
N ALA B 140 -23.87 5.80 -7.24
CA ALA B 140 -24.83 5.74 -8.35
C ALA B 140 -24.07 5.62 -9.68
N ILE B 141 -23.04 6.42 -9.87
CA ILE B 141 -22.20 6.42 -11.09
C ILE B 141 -21.38 5.13 -11.15
N ALA B 142 -20.69 4.81 -10.06
CA ALA B 142 -19.76 3.66 -10.08
C ALA B 142 -20.55 2.36 -10.31
N ASN B 143 -21.75 2.29 -9.79
CA ASN B 143 -22.53 1.03 -9.72
C ASN B 143 -23.61 1.04 -10.83
N ASP B 144 -23.47 1.89 -11.83
CA ASP B 144 -24.39 1.97 -12.98
C ASP B 144 -24.23 0.72 -13.83
N PRO B 145 -25.27 -0.10 -14.03
CA PRO B 145 -25.08 -1.36 -14.79
C PRO B 145 -24.88 -1.14 -16.29
N ASN B 146 -25.24 0.04 -16.79
CA ASN B 146 -25.09 0.35 -18.23
C ASN B 146 -23.61 0.45 -18.64
N GLY B 147 -23.25 -0.19 -19.75
CA GLY B 147 -21.91 -0.02 -20.37
C GLY B 147 -20.76 -0.72 -19.64
N VAL B 148 -21.06 -1.74 -18.85
CA VAL B 148 -20.06 -2.56 -18.13
C VAL B 148 -20.57 -4.00 -18.16
N THR B 149 -19.63 -4.92 -18.12
CA THR B 149 -19.89 -6.36 -17.98
C THR B 149 -20.63 -6.57 -16.66
N GLN B 150 -21.74 -7.29 -16.71
CA GLN B 150 -22.63 -7.44 -15.52
CA GLN B 150 -22.64 -7.43 -15.54
C GLN B 150 -21.96 -8.36 -14.50
N GLY B 151 -22.11 -7.97 -13.24
CA GLY B 151 -21.62 -8.75 -12.11
C GLY B 151 -21.78 -7.94 -10.85
N ASP B 152 -21.33 -8.53 -9.75
CA ASP B 152 -21.54 -8.02 -8.39
C ASP B 152 -20.37 -7.14 -7.93
N CYS B 153 -20.68 -5.88 -7.61
CA CYS B 153 -19.68 -4.98 -7.03
C CYS B 153 -20.02 -4.57 -5.59
N SER B 154 -20.91 -5.30 -4.92
CA SER B 154 -21.46 -4.89 -3.61
C SER B 154 -20.31 -4.62 -2.62
N SER B 155 -19.33 -5.49 -2.54
CA SER B 155 -18.19 -5.37 -1.61
CA SER B 155 -18.23 -5.34 -1.58
C SER B 155 -17.46 -4.05 -1.91
N LEU B 156 -17.22 -3.77 -3.18
CA LEU B 156 -16.46 -2.56 -3.58
C LEU B 156 -17.25 -1.32 -3.24
N MET B 157 -18.56 -1.34 -3.43
CA MET B 157 -19.37 -0.15 -3.12
C MET B 157 -19.35 0.08 -1.60
N ALA B 158 -19.37 -0.97 -0.79
CA ALA B 158 -19.33 -0.83 0.68
C ALA B 158 -17.96 -0.24 1.03
N GLU B 159 -16.91 -0.70 0.37
CA GLU B 159 -15.55 -0.22 0.68
C GLU B 159 -15.47 1.26 0.28
N LEU B 160 -15.96 1.58 -0.92
CA LEU B 160 -16.01 2.99 -1.36
C LEU B 160 -16.77 3.83 -0.33
N GLY B 161 -17.95 3.38 0.07
CA GLY B 161 -18.75 4.10 1.08
C GLY B 161 -17.97 4.29 2.36
N SER B 162 -17.17 3.30 2.75
CA SER B 162 -16.40 3.37 4.03
C SER B 162 -15.42 4.54 3.94
N TYR B 163 -14.84 4.78 2.77
CA TYR B 163 -13.82 5.85 2.63
C TYR B 163 -14.52 7.21 2.73
N PHE B 164 -15.69 7.35 2.08
CA PHE B 164 -16.47 8.59 2.24
C PHE B 164 -16.87 8.75 3.71
N ASP B 165 -17.34 7.67 4.36
CA ASP B 165 -17.83 7.75 5.76
C ASP B 165 -16.64 8.16 6.65
N ARG B 166 -15.42 7.67 6.35
CA ARG B 166 -14.23 7.97 7.17
C ARG B 166 -13.94 9.48 7.00
N ALA B 167 -14.06 10.00 5.79
CA ALA B 167 -13.87 11.44 5.54
C ALA B 167 -14.92 12.27 6.30
N ALA B 168 -16.19 11.90 6.22
CA ALA B 168 -17.29 12.61 6.92
C ALA B 168 -17.03 12.59 8.43
N ALA B 169 -16.55 11.47 8.98
CA ALA B 169 -16.31 11.33 10.43
C ALA B 169 -15.14 12.23 10.85
N ALA B 170 -14.16 12.38 9.98
CA ALA B 170 -12.91 13.13 10.27
C ALA B 170 -13.16 14.63 10.34
N VAL B 171 -14.28 15.13 9.81
CA VAL B 171 -14.53 16.60 9.78
C VAL B 171 -15.70 16.96 10.70
N SER B 172 -16.49 16.01 11.16
CA SER B 172 -17.68 16.33 11.97
C SER B 172 -17.36 16.20 13.46
#